data_5NVC
#
_entry.id   5NVC
#
_cell.length_a   91.120
_cell.length_b   98.370
_cell.length_c   119.400
_cell.angle_alpha   90.00
_cell.angle_beta   90.00
_cell.angle_gamma   90.00
#
_symmetry.space_group_name_H-M   'C 2 2 21'
#
loop_
_entity.id
_entity.type
_entity.pdbx_description
1 polymer Tankyrase-2
2 polymer Tankyrase-2
3 non-polymer 'ZINC ION'
4 non-polymer 'SULFATE ION'
5 non-polymer 2-(3-hydroxyphenyl)-3~{H}-quinazolin-4-one
6 non-polymer GLYCEROL
7 water water
#
loop_
_entity_poly.entity_id
_entity_poly.type
_entity_poly.pdbx_seq_one_letter_code
_entity_poly.pdbx_strand_id
1 'polypeptide(L)'
;MHHHHHHSSGVDLGTENLYFQSMLNTSGSGTILIDLSPDDKEFQSVEEEMQSTVREHRDGGHAGGIFNRYNILKIQKVCN
KKLWERYTHRRKEVSEENHNHANERMLFHGSPFVNAIIHKGFDERHAYIGGMFGAGIYFAENSSKSNQYVYGIGGGTGCP
VHKDRSCYICHRQLLFCRVTLGKSFLQFSAM
;
A,B
2 'polypeptide(L)' KMAHSPPGHHSVTGRPSVNGLALAEYVIYRGEQAYPEYLITYQIMRPEG C,D
#
loop_
_chem_comp.id
_chem_comp.type
_chem_comp.name
_chem_comp.formula
9AN non-polymer 2-(3-hydroxyphenyl)-3~{H}-quinazolin-4-one 'C14 H10 N2 O2'
GOL non-polymer GLYCEROL 'C3 H8 O3'
SO4 non-polymer 'SULFATE ION' 'O4 S -2'
ZN non-polymer 'ZINC ION' 'Zn 2'
#
# COMPACT_ATOMS: atom_id res chain seq x y z
N GLY A 30 -1.40 -18.64 -32.73
CA GLY A 30 -2.69 -19.33 -32.76
C GLY A 30 -3.85 -18.58 -32.10
N THR A 31 -3.66 -17.31 -31.74
CA THR A 31 -4.73 -16.53 -31.12
C THR A 31 -5.56 -15.84 -32.19
N ILE A 32 -6.88 -16.00 -32.10
CA ILE A 32 -7.81 -15.16 -32.83
C ILE A 32 -8.68 -14.39 -31.85
N LEU A 33 -9.05 -13.19 -32.26
CA LEU A 33 -9.93 -12.31 -31.51
C LEU A 33 -11.26 -12.18 -32.21
N ILE A 34 -12.33 -12.49 -31.50
CA ILE A 34 -13.68 -12.38 -32.06
C ILE A 34 -14.41 -11.24 -31.38
N ASP A 35 -14.84 -10.26 -32.17
CA ASP A 35 -15.65 -9.16 -31.68
C ASP A 35 -17.00 -9.64 -31.19
N LEU A 36 -17.40 -9.17 -30.00
CA LEU A 36 -18.76 -9.34 -29.54
C LEU A 36 -19.61 -8.15 -29.93
N SER A 37 -20.84 -8.44 -30.34
CA SER A 37 -21.82 -7.42 -30.62
C SER A 37 -22.26 -6.78 -29.31
N PRO A 38 -22.48 -5.46 -29.28
CA PRO A 38 -23.08 -4.88 -28.07
C PRO A 38 -24.48 -5.41 -27.71
N ASP A 39 -25.17 -6.04 -28.67
CA ASP A 39 -26.45 -6.69 -28.43
C ASP A 39 -26.33 -8.07 -27.77
N ASP A 40 -25.13 -8.62 -27.72
CA ASP A 40 -24.89 -9.95 -27.18
C ASP A 40 -24.97 -9.85 -25.67
N LYS A 41 -25.69 -10.78 -25.04
CA LYS A 41 -25.76 -10.84 -23.57
C LYS A 41 -24.38 -10.97 -22.92
N GLU A 42 -23.47 -11.65 -23.60
CA GLU A 42 -22.09 -11.82 -23.14
C GLU A 42 -21.32 -10.49 -23.13
N PHE A 43 -21.46 -9.68 -24.18
CA PHE A 43 -20.91 -8.31 -24.17
C PHE A 43 -21.47 -7.55 -22.96
N GLN A 44 -22.78 -7.61 -22.81
CA GLN A 44 -23.45 -6.84 -21.78
C GLN A 44 -23.06 -7.23 -20.36
N SER A 45 -22.84 -8.51 -20.11
CA SER A 45 -22.46 -8.94 -18.75
C SER A 45 -21.00 -8.57 -18.44
N VAL A 46 -20.12 -8.60 -19.45
CA VAL A 46 -18.72 -8.17 -19.28
C VAL A 46 -18.66 -6.65 -19.07
N GLU A 47 -19.40 -5.88 -19.87
CA GLU A 47 -19.45 -4.44 -19.69
C GLU A 47 -19.97 -4.09 -18.28
N GLU A 48 -20.99 -4.79 -17.80
CA GLU A 48 -21.54 -4.49 -16.47
C GLU A 48 -20.50 -4.74 -15.37
N GLU A 49 -19.70 -5.79 -15.52
CA GLU A 49 -18.66 -6.07 -14.52
C GLU A 49 -17.60 -4.98 -14.57
N MET A 50 -17.22 -4.55 -15.77
CA MET A 50 -16.28 -3.44 -15.91
C MET A 50 -16.76 -2.15 -15.24
N GLN A 51 -17.98 -1.73 -15.56
CA GLN A 51 -18.51 -0.44 -15.10
C GLN A 51 -18.82 -0.47 -13.59
N SER A 52 -19.36 -1.57 -13.11
CA SER A 52 -19.89 -1.63 -11.74
C SER A 52 -18.80 -1.79 -10.69
N THR A 53 -17.57 -2.09 -11.12
CA THR A 53 -16.45 -2.28 -10.19
C THR A 53 -15.45 -1.12 -10.24
N VAL A 54 -15.84 0.00 -10.84
CA VAL A 54 -15.10 1.26 -10.66
C VAL A 54 -15.27 1.77 -9.25
N ARG A 55 -14.16 2.22 -8.66
CA ARG A 55 -14.18 2.89 -7.36
C ARG A 55 -13.23 4.06 -7.37
N GLU A 56 -13.34 4.91 -6.33
CA GLU A 56 -12.33 5.94 -6.09
C GLU A 56 -11.06 5.33 -5.48
N HIS A 57 -9.92 5.91 -5.84
CA HIS A 57 -8.61 5.44 -5.40
C HIS A 57 -7.97 6.46 -4.48
N ARG A 58 -7.17 5.93 -3.55
CA ARG A 58 -6.53 6.75 -2.51
C ARG A 58 -5.51 7.72 -3.08
N ASP A 59 -5.05 7.49 -4.31
CA ASP A 59 -4.18 8.47 -4.99
C ASP A 59 -4.86 9.65 -5.69
N GLY A 60 -6.18 9.81 -5.51
CA GLY A 60 -6.92 10.89 -6.14
C GLY A 60 -6.96 10.85 -7.66
N GLY A 61 -6.62 9.70 -8.25
CA GLY A 61 -6.54 9.55 -9.70
C GLY A 61 -5.14 9.65 -10.31
N HIS A 62 -4.10 9.78 -9.48
CA HIS A 62 -2.74 10.01 -9.97
C HIS A 62 -2.29 8.93 -10.97
N ALA A 63 -2.50 7.66 -10.64
CA ALA A 63 -2.01 6.55 -11.46
C ALA A 63 -2.91 6.26 -12.64
N GLY A 64 -4.22 6.23 -12.41
CA GLY A 64 -5.18 5.73 -13.40
C GLY A 64 -6.04 6.77 -14.08
N GLY A 65 -6.04 8.00 -13.55
CA GLY A 65 -6.90 9.04 -14.04
C GLY A 65 -8.13 9.28 -13.19
N ILE A 66 -8.80 10.39 -13.47
CA ILE A 66 -9.99 10.79 -12.73
C ILE A 66 -11.21 10.45 -13.57
N PHE A 67 -12.05 9.55 -13.06
CA PHE A 67 -13.22 9.07 -13.79
C PHE A 67 -14.12 8.26 -12.86
N ASN A 68 -15.39 8.18 -13.21
CA ASN A 68 -16.38 7.35 -12.54
C ASN A 68 -16.91 6.23 -13.43
N ARG A 69 -16.63 6.29 -14.73
CA ARG A 69 -17.13 5.27 -15.66
C ARG A 69 -16.28 5.28 -16.93
N TYR A 70 -16.50 4.27 -17.76
CA TYR A 70 -15.77 4.12 -19.01
C TYR A 70 -16.70 4.28 -20.20
N ASN A 71 -16.06 4.57 -21.33
CA ASN A 71 -16.69 4.42 -22.65
C ASN A 71 -16.12 3.14 -23.21
N ILE A 72 -16.92 2.08 -23.27
CA ILE A 72 -16.46 0.80 -23.79
C ILE A 72 -16.55 0.87 -25.31
N LEU A 73 -15.43 0.65 -25.96
CA LEU A 73 -15.34 0.74 -27.44
C LEU A 73 -15.48 -0.63 -28.11
N LYS A 74 -14.92 -1.66 -27.49
CA LYS A 74 -14.94 -2.99 -28.07
C LYS A 74 -14.70 -4.03 -26.99
N ILE A 75 -15.35 -5.19 -27.13
CA ILE A 75 -15.05 -6.36 -26.31
C ILE A 75 -14.81 -7.50 -27.27
N GLN A 76 -13.64 -8.12 -27.16
CA GLN A 76 -13.26 -9.25 -27.98
C GLN A 76 -13.02 -10.51 -27.14
N LYS A 77 -13.51 -11.65 -27.62
CA LYS A 77 -13.19 -12.93 -27.02
CA LYS A 77 -13.20 -12.96 -27.07
C LYS A 77 -11.83 -13.39 -27.56
N VAL A 78 -10.98 -13.86 -26.66
CA VAL A 78 -9.65 -14.31 -26.99
C VAL A 78 -9.68 -15.83 -27.08
N CYS A 79 -9.38 -16.34 -28.27
CA CYS A 79 -9.47 -17.78 -28.55
CA CYS A 79 -9.49 -17.78 -28.57
C CYS A 79 -8.09 -18.32 -28.92
N ASN A 80 -7.56 -19.21 -28.08
CA ASN A 80 -6.30 -19.88 -28.37
C ASN A 80 -6.36 -21.27 -27.74
N LYS A 81 -6.41 -22.29 -28.61
CA LYS A 81 -6.62 -23.66 -28.14
C LYS A 81 -5.49 -24.16 -27.23
N LYS A 82 -4.25 -23.91 -27.64
CA LYS A 82 -3.09 -24.35 -26.90
C LYS A 82 -3.06 -23.70 -25.51
N LEU A 83 -3.31 -22.39 -25.45
CA LEU A 83 -3.30 -21.68 -24.16
C LEU A 83 -4.47 -22.08 -23.27
N TRP A 84 -5.60 -22.39 -23.88
CA TRP A 84 -6.76 -22.86 -23.12
C TRP A 84 -6.46 -24.22 -22.50
N GLU A 85 -5.83 -25.10 -23.27
CA GLU A 85 -5.49 -26.43 -22.76
C GLU A 85 -4.44 -26.38 -21.65
N ARG A 86 -3.48 -25.46 -21.77
CA ARG A 86 -2.51 -25.20 -20.71
C ARG A 86 -3.22 -24.78 -19.43
N TYR A 87 -4.19 -23.88 -19.57
CA TYR A 87 -5.00 -23.44 -18.41
C TYR A 87 -5.79 -24.59 -17.79
N THR A 88 -6.53 -25.35 -18.60
CA THR A 88 -7.39 -26.42 -18.05
C THR A 88 -6.58 -27.57 -17.45
N HIS A 89 -5.38 -27.83 -17.99
CA HIS A 89 -4.46 -28.81 -17.42
C HIS A 89 -4.08 -28.41 -15.99
N ARG A 90 -3.67 -27.15 -15.82
CA ARG A 90 -3.30 -26.66 -14.51
C ARG A 90 -4.51 -26.63 -13.58
N ARG A 91 -5.66 -26.24 -14.10
CA ARG A 91 -6.88 -26.13 -13.29
C ARG A 91 -7.24 -27.48 -12.66
N LYS A 92 -7.14 -28.54 -13.46
CA LYS A 92 -7.39 -29.89 -12.99
C LYS A 92 -6.38 -30.32 -11.92
N GLU A 93 -5.11 -29.96 -12.09
CA GLU A 93 -4.11 -30.25 -11.06
C GLU A 93 -4.44 -29.57 -9.74
N VAL A 94 -4.80 -28.28 -9.82
CA VAL A 94 -5.18 -27.53 -8.62
C VAL A 94 -6.44 -28.11 -7.99
N SER A 95 -7.46 -28.36 -8.79
CA SER A 95 -8.73 -28.93 -8.30
CA SER A 95 -8.72 -28.89 -8.26
C SER A 95 -8.50 -30.21 -7.51
N GLU A 96 -7.66 -31.08 -8.07
CA GLU A 96 -7.40 -32.38 -7.42
C GLU A 96 -6.64 -32.26 -6.10
N GLU A 97 -5.87 -31.18 -5.93
CA GLU A 97 -5.20 -30.86 -4.67
C GLU A 97 -6.11 -30.12 -3.67
N ASN A 98 -7.35 -29.83 -4.04
CA ASN A 98 -8.22 -28.95 -3.23
C ASN A 98 -9.66 -29.46 -3.32
N HIS A 99 -9.85 -30.72 -2.94
CA HIS A 99 -11.18 -31.36 -2.90
C HIS A 99 -12.07 -31.03 -4.09
N ASN A 100 -11.50 -31.17 -5.29
CA ASN A 100 -12.19 -30.95 -6.55
CA ASN A 100 -12.20 -30.96 -6.55
C ASN A 100 -12.80 -29.55 -6.67
N HIS A 101 -12.06 -28.56 -6.18
CA HIS A 101 -12.49 -27.16 -6.21
C HIS A 101 -11.35 -26.29 -6.71
N ALA A 102 -11.48 -25.85 -7.97
CA ALA A 102 -10.51 -24.95 -8.59
C ALA A 102 -10.55 -23.55 -8.00
N ASN A 103 -11.69 -23.15 -7.43
CA ASN A 103 -11.89 -21.78 -6.89
C ASN A 103 -11.61 -20.76 -8.01
N GLU A 104 -12.33 -20.92 -9.11
CA GLU A 104 -12.13 -20.11 -10.29
C GLU A 104 -12.91 -18.81 -10.20
N ARG A 105 -12.23 -17.73 -10.53
CA ARG A 105 -12.82 -16.37 -10.50
C ARG A 105 -12.63 -15.71 -11.88
N MET A 106 -13.44 -14.70 -12.18
CA MET A 106 -13.20 -13.79 -13.29
C MET A 106 -12.70 -12.45 -12.75
N LEU A 107 -11.49 -12.08 -13.14
CA LEU A 107 -10.78 -10.94 -12.54
C LEU A 107 -10.15 -10.10 -13.63
N PHE A 108 -9.91 -8.84 -13.30
CA PHE A 108 -9.27 -7.92 -14.25
C PHE A 108 -7.76 -7.94 -14.16
N HIS A 109 -7.11 -7.68 -15.31
CA HIS A 109 -5.67 -7.51 -15.38
C HIS A 109 -5.34 -6.36 -16.34
N GLY A 110 -4.61 -5.36 -15.85
CA GLY A 110 -4.10 -4.28 -16.66
C GLY A 110 -2.59 -4.36 -16.76
N SER A 111 -2.05 -4.13 -17.96
CA SER A 111 -0.64 -4.36 -18.19
C SER A 111 -0.21 -3.68 -19.48
N PRO A 112 1.02 -3.19 -19.55
CA PRO A 112 1.55 -2.79 -20.86
C PRO A 112 1.86 -3.98 -21.77
N PHE A 113 1.73 -5.21 -21.28
CA PHE A 113 2.08 -6.42 -22.04
C PHE A 113 0.88 -7.17 -22.59
N VAL A 114 -0.27 -6.52 -22.66
CA VAL A 114 -1.51 -7.16 -23.07
C VAL A 114 -1.37 -7.90 -24.42
N ASN A 115 -0.62 -7.34 -25.37
CA ASN A 115 -0.40 -8.01 -26.65
C ASN A 115 0.40 -9.32 -26.54
N ALA A 116 1.47 -9.32 -25.75
CA ALA A 116 2.21 -10.55 -25.49
C ALA A 116 1.34 -11.58 -24.76
N ILE A 117 0.51 -11.10 -23.82
CA ILE A 117 -0.27 -12.04 -23.00
C ILE A 117 -1.27 -12.81 -23.86
N ILE A 118 -1.97 -12.11 -24.73
CA ILE A 118 -3.03 -12.76 -25.51
C ILE A 118 -2.47 -13.71 -26.57
N HIS A 119 -1.23 -13.48 -27.00
CA HIS A 119 -0.62 -14.37 -27.99
C HIS A 119 0.18 -15.53 -27.43
N LYS A 120 0.86 -15.32 -26.30
CA LYS A 120 1.81 -16.31 -25.74
C LYS A 120 1.45 -16.82 -24.34
N GLY A 121 0.44 -16.21 -23.70
CA GLY A 121 0.04 -16.60 -22.34
C GLY A 121 0.74 -15.79 -21.27
N PHE A 122 0.21 -15.88 -20.05
CA PHE A 122 0.87 -15.29 -18.91
C PHE A 122 2.13 -16.12 -18.55
N ASP A 123 3.17 -15.44 -18.11
CA ASP A 123 4.38 -16.07 -17.61
C ASP A 123 5.15 -15.08 -16.71
N GLU A 124 6.33 -15.48 -16.25
N GLU A 124 6.34 -15.47 -16.24
CA GLU A 124 7.16 -14.69 -15.34
CA GLU A 124 7.11 -14.64 -15.29
C GLU A 124 7.43 -13.22 -15.76
C GLU A 124 7.42 -13.20 -15.76
N ARG A 125 7.43 -12.95 -17.07
CA ARG A 125 7.62 -11.59 -17.60
C ARG A 125 6.45 -10.64 -17.30
N HIS A 126 5.30 -11.21 -16.92
CA HIS A 126 4.10 -10.43 -16.62
C HIS A 126 3.86 -10.25 -15.13
N ALA A 127 4.83 -10.70 -14.31
CA ALA A 127 4.76 -10.58 -12.85
C ALA A 127 5.12 -9.19 -12.39
N TYR A 128 4.52 -8.81 -11.27
CA TYR A 128 4.85 -7.56 -10.59
C TYR A 128 5.88 -7.90 -9.51
N ILE A 129 7.15 -7.65 -9.82
CA ILE A 129 8.23 -8.12 -8.99
C ILE A 129 8.15 -7.47 -7.60
N GLY A 130 7.85 -6.17 -7.56
CA GLY A 130 7.73 -5.43 -6.31
C GLY A 130 6.35 -5.37 -5.68
N GLY A 131 5.45 -6.29 -6.04
CA GLY A 131 4.12 -6.26 -5.45
C GLY A 131 4.09 -6.55 -3.94
N MET A 132 3.04 -6.08 -3.29
CA MET A 132 2.83 -6.20 -1.82
C MET A 132 2.88 -7.65 -1.34
N PHE A 133 2.50 -8.58 -2.20
CA PHE A 133 2.45 -10.00 -1.86
C PHE A 133 3.47 -10.83 -2.59
N GLY A 134 4.61 -10.24 -2.95
CA GLY A 134 5.68 -10.95 -3.63
C GLY A 134 5.55 -10.92 -5.14
N ALA A 135 6.60 -11.39 -5.81
CA ALA A 135 6.71 -11.43 -7.25
C ALA A 135 5.77 -12.48 -7.84
N GLY A 136 4.62 -12.04 -8.30
CA GLY A 136 3.67 -12.90 -8.96
C GLY A 136 2.84 -12.06 -9.89
N ILE A 137 1.81 -12.68 -10.46
CA ILE A 137 0.92 -12.03 -11.42
C ILE A 137 -0.34 -11.61 -10.67
N TYR A 138 -0.63 -10.32 -10.72
CA TYR A 138 -1.66 -9.68 -9.91
C TYR A 138 -2.95 -9.46 -10.71
N PHE A 139 -4.09 -9.66 -10.04
CA PHE A 139 -5.41 -9.47 -10.64
C PHE A 139 -6.29 -8.71 -9.65
N ALA A 140 -7.30 -8.03 -10.15
CA ALA A 140 -8.15 -7.23 -9.28
C ALA A 140 -9.62 -7.48 -9.53
N GLU A 141 -10.40 -7.45 -8.46
CA GLU A 141 -11.87 -7.37 -8.59
C GLU A 141 -12.35 -6.01 -9.11
N ASN A 142 -11.70 -4.92 -8.72
CA ASN A 142 -12.05 -3.58 -9.20
C ASN A 142 -11.38 -3.32 -10.56
N SER A 143 -12.17 -3.13 -11.61
CA SER A 143 -11.58 -2.76 -12.90
C SER A 143 -10.70 -1.50 -12.81
N SER A 144 -11.09 -0.54 -11.98
CA SER A 144 -10.32 0.70 -11.83
C SER A 144 -8.95 0.48 -11.18
N LYS A 145 -8.83 -0.58 -10.38
CA LYS A 145 -7.51 -0.95 -9.87
C LYS A 145 -6.60 -1.40 -11.01
N SER A 146 -7.06 -2.34 -11.81
CA SER A 146 -6.30 -2.79 -12.97
C SER A 146 -6.01 -1.63 -13.95
N ASN A 147 -6.94 -0.70 -14.09
CA ASN A 147 -6.73 0.47 -14.97
C ASN A 147 -5.49 1.28 -14.57
N GLN A 148 -5.14 1.25 -13.29
CA GLN A 148 -3.92 1.94 -12.83
C GLN A 148 -2.62 1.36 -13.40
N TYR A 149 -2.65 0.15 -13.97
CA TYR A 149 -1.46 -0.54 -14.44
C TYR A 149 -1.36 -0.63 -15.95
N VAL A 150 -2.36 -0.11 -16.66
CA VAL A 150 -2.39 -0.19 -18.12
C VAL A 150 -1.14 0.43 -18.77
N TYR A 151 -0.71 1.56 -18.21
CA TYR A 151 0.49 2.25 -18.68
C TYR A 151 1.76 1.99 -17.84
N GLY A 152 1.70 0.98 -16.98
CA GLY A 152 2.84 0.57 -16.18
C GLY A 152 2.57 0.75 -14.71
N ILE A 153 3.56 0.40 -13.90
CA ILE A 153 3.42 0.52 -12.44
C ILE A 153 3.21 1.98 -12.09
N GLY A 154 2.22 2.27 -11.26
CA GLY A 154 1.88 3.65 -10.91
C GLY A 154 1.37 4.50 -12.07
N GLY A 155 0.92 3.85 -13.14
CA GLY A 155 0.53 4.54 -14.36
C GLY A 155 1.69 4.94 -15.27
N GLY A 156 2.91 4.60 -14.88
CA GLY A 156 4.12 4.95 -15.66
C GLY A 156 4.13 6.44 -15.95
N THR A 157 4.37 6.79 -17.22
CA THR A 157 4.29 8.17 -17.68
C THR A 157 2.99 8.48 -18.44
N GLY A 158 1.98 7.61 -18.30
CA GLY A 158 0.71 7.82 -18.97
C GLY A 158 0.72 7.35 -20.41
N CYS A 159 -0.26 7.83 -21.16
CA CYS A 159 -0.48 7.39 -22.52
C CYS A 159 0.74 7.73 -23.37
N PRO A 160 1.09 6.87 -24.36
CA PRO A 160 2.27 7.17 -25.18
C PRO A 160 2.22 8.48 -26.00
N VAL A 161 1.02 8.90 -26.40
CA VAL A 161 0.88 10.07 -27.28
C VAL A 161 1.01 11.38 -26.50
N HIS A 162 0.25 11.51 -25.41
CA HIS A 162 0.19 12.76 -24.63
C HIS A 162 0.90 12.75 -23.26
N LYS A 163 1.47 11.61 -22.85
CA LYS A 163 2.15 11.47 -21.54
C LYS A 163 1.22 11.86 -20.39
N ASP A 164 -0.04 11.43 -20.50
CA ASP A 164 -1.09 11.82 -19.58
C ASP A 164 -1.69 10.56 -18.94
N ARG A 165 -1.49 10.39 -17.63
CA ARG A 165 -2.09 9.24 -16.93
C ARG A 165 -3.60 9.34 -16.86
N SER A 166 -4.16 10.54 -16.97
CA SER A 166 -5.60 10.75 -17.02
C SER A 166 -6.12 11.07 -18.45
N CYS A 167 -5.44 10.56 -19.46
CA CYS A 167 -5.85 10.82 -20.85
C CYS A 167 -7.26 10.30 -21.12
N TYR A 168 -8.11 11.21 -21.60
CA TYR A 168 -9.50 10.87 -21.95
C TYR A 168 -9.66 10.58 -23.46
N ILE A 169 -8.59 10.71 -24.22
CA ILE A 169 -8.63 10.52 -25.68
C ILE A 169 -8.16 9.11 -26.06
N CYS A 170 -6.99 8.73 -25.56
CA CYS A 170 -6.33 7.51 -25.98
C CYS A 170 -7.09 6.27 -25.53
N HIS A 171 -7.07 5.27 -26.41
CA HIS A 171 -7.70 3.98 -26.18
C HIS A 171 -6.83 3.13 -25.28
N ARG A 172 -7.47 2.57 -24.24
CA ARG A 172 -6.83 1.69 -23.29
C ARG A 172 -7.37 0.28 -23.46
N GLN A 173 -6.59 -0.69 -23.01
CA GLN A 173 -7.05 -2.07 -23.00
C GLN A 173 -6.87 -2.74 -21.63
N LEU A 174 -7.85 -3.53 -21.23
CA LEU A 174 -7.79 -4.37 -20.04
C LEU A 174 -8.15 -5.79 -20.45
N LEU A 175 -7.65 -6.76 -19.69
CA LEU A 175 -8.06 -8.15 -19.82
C LEU A 175 -9.03 -8.51 -18.70
N PHE A 176 -10.06 -9.26 -19.05
CA PHE A 176 -10.94 -9.88 -18.07
C PHE A 176 -10.67 -11.37 -18.17
N CYS A 177 -10.12 -11.94 -17.10
CA CYS A 177 -9.42 -13.22 -17.14
C CYS A 177 -10.05 -14.24 -16.23
N ARG A 178 -9.99 -15.49 -16.63
CA ARG A 178 -10.41 -16.63 -15.84
C ARG A 178 -9.18 -17.06 -15.04
N VAL A 179 -9.31 -17.07 -13.72
CA VAL A 179 -8.16 -17.28 -12.83
C VAL A 179 -8.47 -18.38 -11.82
N THR A 180 -7.59 -19.37 -11.76
CA THR A 180 -7.71 -20.46 -10.78
C THR A 180 -6.98 -20.04 -9.50
N LEU A 181 -7.71 -19.90 -8.39
CA LEU A 181 -7.12 -19.52 -7.12
C LEU A 181 -6.73 -20.71 -6.24
N GLY A 182 -7.42 -21.83 -6.42
CA GLY A 182 -7.28 -22.95 -5.50
C GLY A 182 -7.42 -22.56 -4.05
N LYS A 183 -6.60 -23.17 -3.20
CA LYS A 183 -6.47 -22.75 -1.82
C LYS A 183 -5.68 -21.46 -1.73
N SER A 184 -6.34 -20.39 -1.32
CA SER A 184 -5.73 -19.07 -1.35
C SER A 184 -5.33 -18.65 0.04
N PHE A 185 -4.11 -18.16 0.20
CA PHE A 185 -3.62 -17.61 1.47
C PHE A 185 -4.20 -16.21 1.69
N LEU A 186 -4.89 -16.01 2.82
CA LEU A 186 -5.54 -14.73 3.11
CA LEU A 186 -5.54 -14.73 3.12
C LEU A 186 -4.57 -13.79 3.81
N GLN A 187 -4.30 -12.66 3.19
CA GLN A 187 -3.48 -11.63 3.76
C GLN A 187 -4.39 -10.43 4.04
N PHE A 188 -4.49 -10.02 5.30
CA PHE A 188 -5.22 -8.82 5.67
C PHE A 188 -4.23 -7.64 5.40
N SER A 189 -4.74 -6.48 5.00
CA SER A 189 -3.87 -5.38 4.46
C SER A 189 -3.48 -4.19 5.37
N ALA A 190 -3.54 -4.36 6.69
CA ALA A 190 -3.18 -3.28 7.65
C ALA A 190 -4.22 -2.17 7.69
N MET B 2 9.67 -15.41 -10.67
CA MET B 2 8.52 -15.32 -9.76
C MET B 2 8.76 -16.06 -8.46
N ALA B 3 8.12 -15.57 -7.40
CA ALA B 3 8.10 -16.23 -6.09
C ALA B 3 7.26 -17.52 -6.17
N HIS B 4 7.30 -18.29 -5.09
CA HIS B 4 6.42 -19.45 -4.94
C HIS B 4 5.20 -19.03 -4.13
N SER B 5 4.09 -19.76 -4.31
CA SER B 5 2.92 -19.60 -3.45
C SER B 5 3.31 -20.03 -2.03
N PRO B 6 2.63 -19.47 -1.00
CA PRO B 6 2.86 -19.98 0.35
C PRO B 6 2.67 -21.51 0.40
N PRO B 7 3.53 -22.23 1.15
CA PRO B 7 3.38 -23.69 1.25
C PRO B 7 1.94 -24.15 1.49
N GLY B 8 1.48 -25.09 0.67
CA GLY B 8 0.12 -25.61 0.78
C GLY B 8 -0.95 -24.68 0.21
N HIS B 9 -0.55 -23.64 -0.54
CA HIS B 9 -1.50 -22.70 -1.16
C HIS B 9 -1.19 -22.49 -2.65
N HIS B 10 -2.20 -22.12 -3.43
CA HIS B 10 -2.07 -21.93 -4.88
C HIS B 10 -2.13 -20.46 -5.32
N SER B 11 -2.37 -19.55 -4.37
CA SER B 11 -2.51 -18.13 -4.65
C SER B 11 -2.51 -17.38 -3.32
N VAL B 12 -2.49 -16.04 -3.42
CA VAL B 12 -2.66 -15.16 -2.27
C VAL B 12 -3.83 -14.23 -2.54
N THR B 13 -4.65 -14.02 -1.52
CA THR B 13 -5.71 -13.04 -1.57
C THR B 13 -5.31 -11.86 -0.71
N GLY B 14 -5.30 -10.65 -1.28
CA GLY B 14 -5.08 -9.43 -0.52
C GLY B 14 -6.44 -8.87 -0.14
N ARG B 15 -6.82 -9.03 1.12
CA ARG B 15 -8.07 -8.47 1.63
CA ARG B 15 -8.06 -8.47 1.63
C ARG B 15 -7.86 -7.03 2.11
N PRO B 16 -8.68 -6.08 1.63
CA PRO B 16 -8.54 -4.73 2.18
C PRO B 16 -8.97 -4.63 3.65
N SER B 17 -8.14 -4.00 4.50
CA SER B 17 -8.44 -3.81 5.95
C SER B 17 -8.53 -2.34 6.45
N VAL B 18 -8.46 -1.37 5.52
CA VAL B 18 -8.60 0.07 5.86
C VAL B 18 -9.74 0.68 5.05
N ASN B 19 -9.61 0.61 3.72
CA ASN B 19 -10.60 1.13 2.81
C ASN B 19 -11.74 0.13 2.68
N GLY B 20 -12.81 0.45 3.40
CA GLY B 20 -14.04 -0.33 3.35
C GLY B 20 -14.72 -0.44 2.02
N LEU B 21 -14.36 0.37 1.00
CA LEU B 21 -15.00 0.20 -0.33
C LEU B 21 -14.17 -0.63 -1.32
N ALA B 22 -12.90 -0.89 -1.01
CA ALA B 22 -12.06 -1.64 -1.96
C ALA B 22 -12.42 -3.11 -2.02
N LEU B 23 -12.37 -3.66 -3.22
CA LEU B 23 -12.49 -5.10 -3.42
C LEU B 23 -11.13 -5.77 -3.35
N ALA B 24 -11.14 -7.09 -3.30
CA ALA B 24 -9.91 -7.87 -3.15
C ALA B 24 -9.03 -7.82 -4.40
N GLU B 25 -7.77 -8.07 -4.16
CA GLU B 25 -6.77 -8.31 -5.20
C GLU B 25 -6.16 -9.70 -4.94
N TYR B 26 -5.65 -10.30 -6.01
CA TYR B 26 -5.20 -11.70 -5.98
C TYR B 26 -3.88 -11.83 -6.71
N VAL B 27 -3.06 -12.78 -6.24
CA VAL B 27 -1.78 -13.07 -6.87
C VAL B 27 -1.66 -14.55 -7.12
N ILE B 28 -1.23 -14.89 -8.33
CA ILE B 28 -0.86 -16.26 -8.69
C ILE B 28 0.60 -16.27 -9.05
N TYR B 29 1.21 -17.44 -8.92
CA TYR B 29 2.67 -17.59 -9.09
C TYR B 29 3.00 -18.52 -10.25
N ARG B 30 1.98 -18.97 -10.96
CA ARG B 30 2.12 -19.81 -12.13
C ARG B 30 1.26 -19.18 -13.22
N GLY B 31 1.86 -18.84 -14.36
CA GLY B 31 1.11 -18.24 -15.47
C GLY B 31 -0.01 -19.13 -16.02
N GLU B 32 0.13 -20.45 -15.87
CA GLU B 32 -0.87 -21.40 -16.32
C GLU B 32 -2.17 -21.32 -15.52
N GLN B 33 -2.17 -20.60 -14.39
CA GLN B 33 -3.39 -20.43 -13.60
C GLN B 33 -4.29 -19.29 -14.02
N ALA B 34 -4.02 -18.66 -15.17
CA ALA B 34 -4.92 -17.65 -15.71
C ALA B 34 -5.03 -17.79 -17.21
N TYR B 35 -6.22 -17.52 -17.72
CA TYR B 35 -6.48 -17.46 -19.15
C TYR B 35 -7.12 -16.11 -19.48
N PRO B 36 -6.57 -15.36 -20.44
CA PRO B 36 -7.14 -14.05 -20.82
C PRO B 36 -8.36 -14.23 -21.71
N GLU B 37 -9.55 -14.23 -21.13
N GLU B 37 -9.55 -14.18 -21.14
CA GLU B 37 -10.78 -14.53 -21.86
CA GLU B 37 -10.76 -14.57 -21.83
C GLU B 37 -11.25 -13.42 -22.77
C GLU B 37 -11.40 -13.45 -22.69
N TYR B 38 -11.31 -12.21 -22.21
CA TYR B 38 -11.82 -11.02 -22.92
C TYR B 38 -10.80 -9.92 -22.95
N LEU B 39 -10.68 -9.28 -24.13
CA LEU B 39 -9.89 -8.08 -24.31
C LEU B 39 -10.86 -6.92 -24.46
N ILE B 40 -10.80 -5.96 -23.53
CA ILE B 40 -11.72 -4.83 -23.49
C ILE B 40 -10.99 -3.58 -23.87
N THR B 41 -11.47 -2.90 -24.93
CA THR B 41 -10.90 -1.64 -25.37
C THR B 41 -11.82 -0.50 -24.92
N TYR B 42 -11.27 0.54 -24.29
CA TYR B 42 -12.11 1.55 -23.66
C TYR B 42 -11.39 2.86 -23.50
N GLN B 43 -12.15 3.90 -23.19
CA GLN B 43 -11.59 5.15 -22.69
C GLN B 43 -12.16 5.40 -21.31
N ILE B 44 -11.39 6.07 -20.47
CA ILE B 44 -11.97 6.65 -19.26
C ILE B 44 -12.73 7.91 -19.63
N MET B 45 -13.84 8.18 -18.94
CA MET B 45 -14.68 9.35 -19.22
C MET B 45 -14.46 10.46 -18.21
N ARG B 46 -14.31 11.68 -18.71
CA ARG B 46 -14.18 12.86 -17.85
C ARG B 46 -15.48 13.06 -17.08
N PRO B 47 -15.43 13.18 -15.73
CA PRO B 47 -16.65 13.46 -14.97
C PRO B 47 -17.30 14.79 -15.38
N GLU B 48 -18.63 14.83 -15.37
CA GLU B 48 -19.39 16.04 -15.74
C GLU B 48 -19.32 17.11 -14.65
N GLY C 30 -9.50 15.58 2.17
CA GLY C 30 -8.68 15.98 1.01
C GLY C 30 -7.25 15.44 1.01
N THR C 31 -7.03 14.30 1.66
CA THR C 31 -5.73 13.65 1.60
C THR C 31 -5.64 12.75 0.40
N ILE C 32 -4.54 12.87 -0.34
CA ILE C 32 -4.16 11.91 -1.36
C ILE C 32 -2.85 11.25 -0.97
N LEU C 33 -2.71 9.98 -1.35
CA LEU C 33 -1.51 9.21 -1.09
C LEU C 33 -0.86 8.85 -2.41
N ILE C 34 0.39 9.24 -2.60
CA ILE C 34 1.12 8.96 -3.85
C ILE C 34 2.22 7.94 -3.61
N ASP C 35 2.17 6.81 -4.31
CA ASP C 35 3.20 5.78 -4.22
C ASP C 35 4.54 6.27 -4.75
N LEU C 36 5.59 6.03 -3.98
CA LEU C 36 6.93 6.24 -4.47
C LEU C 36 7.44 4.97 -5.10
N SER C 37 8.15 5.11 -6.22
CA SER C 37 8.81 3.98 -6.85
C SER C 37 10.03 3.56 -6.03
N PRO C 38 10.25 2.26 -5.86
CA PRO C 38 11.50 1.81 -5.22
C PRO C 38 12.79 2.25 -5.93
N ASP C 39 12.72 2.61 -7.21
CA ASP C 39 13.87 3.13 -7.96
C ASP C 39 14.16 4.61 -7.73
N ASP C 40 13.26 5.31 -7.03
CA ASP C 40 13.34 6.74 -6.72
C ASP C 40 14.27 6.92 -5.54
N LYS C 41 15.14 7.93 -5.63
CA LYS C 41 16.01 8.27 -4.50
C LYS C 41 15.25 8.60 -3.21
N GLU C 42 14.06 9.18 -3.33
CA GLU C 42 13.26 9.50 -2.15
C GLU C 42 12.80 8.26 -1.38
N PHE C 43 12.29 7.26 -2.09
CA PHE C 43 11.98 5.95 -1.50
C PHE C 43 13.20 5.37 -0.76
N GLN C 44 14.33 5.35 -1.46
CA GLN C 44 15.54 4.72 -0.94
C GLN C 44 16.04 5.44 0.31
N SER C 45 15.89 6.76 0.34
CA SER C 45 16.27 7.58 1.49
C SER C 45 15.41 7.25 2.73
N VAL C 46 14.11 7.14 2.53
CA VAL C 46 13.19 6.80 3.63
C VAL C 46 13.45 5.36 4.08
N GLU C 47 13.62 4.43 3.14
CA GLU C 47 13.91 3.07 3.53
C GLU C 47 15.20 3.01 4.38
N GLU C 48 16.22 3.75 3.99
CA GLU C 48 17.48 3.68 4.73
C GLU C 48 17.32 4.28 6.13
N GLU C 49 16.53 5.34 6.26
CA GLU C 49 16.30 5.90 7.59
CA GLU C 49 16.24 5.94 7.58
C GLU C 49 15.54 4.89 8.45
N MET C 50 14.59 4.15 7.86
CA MET C 50 13.89 3.08 8.61
C MET C 50 14.86 1.99 9.07
N GLN C 51 15.63 1.46 8.11
CA GLN C 51 16.47 0.32 8.40
C GLN C 51 17.64 0.65 9.33
N SER C 52 18.24 1.81 9.13
CA SER C 52 19.45 2.19 9.86
C SER C 52 19.20 2.57 11.31
N THR C 53 17.92 2.78 11.66
CA THR C 53 17.59 3.17 13.03
C THR C 53 16.85 2.07 13.82
N VAL C 54 16.92 0.82 13.36
CA VAL C 54 16.51 -0.31 14.18
C VAL C 54 17.55 -0.49 15.27
N ARG C 55 17.09 -0.71 16.49
CA ARG C 55 17.97 -1.12 17.56
C ARG C 55 17.33 -2.24 18.35
N GLU C 56 18.11 -2.83 19.24
CA GLU C 56 17.58 -3.77 20.23
C GLU C 56 16.89 -2.99 21.34
N HIS C 57 15.84 -3.59 21.89
CA HIS C 57 15.05 -3.01 22.95
C HIS C 57 15.17 -3.84 24.23
N ARG C 58 15.12 -3.13 25.36
CA ARG C 58 15.33 -3.74 26.67
C ARG C 58 14.23 -4.74 27.08
N ASP C 59 13.08 -4.70 26.40
CA ASP C 59 12.03 -5.69 26.60
C ASP C 59 12.20 -7.01 25.83
N GLY C 60 13.34 -7.17 25.17
CA GLY C 60 13.68 -8.36 24.42
C GLY C 60 12.77 -8.62 23.24
N GLY C 61 12.05 -7.60 22.79
CA GLY C 61 11.07 -7.72 21.71
C GLY C 61 9.61 -7.89 22.12
N HIS C 62 9.32 -7.85 23.43
CA HIS C 62 7.95 -8.03 23.91
C HIS C 62 6.92 -7.14 23.22
N ALA C 63 7.20 -5.84 23.11
CA ALA C 63 6.22 -4.90 22.57
C ALA C 63 6.16 -4.91 21.05
N GLY C 64 7.33 -4.82 20.41
CA GLY C 64 7.42 -4.64 18.95
C GLY C 64 7.78 -5.85 18.13
N GLY C 65 8.20 -6.93 18.78
CA GLY C 65 8.70 -8.10 18.08
C GLY C 65 10.20 -8.23 18.01
N ILE C 66 10.63 -9.40 17.58
CA ILE C 66 12.05 -9.74 17.46
C ILE C 66 12.46 -9.60 15.99
N PHE C 67 13.33 -8.63 15.72
CA PHE C 67 13.82 -8.37 14.36
C PHE C 67 15.02 -7.44 14.38
N ASN C 68 15.80 -7.53 13.32
CA ASN C 68 16.91 -6.63 13.05
C ASN C 68 16.68 -5.73 11.85
N ARG C 69 15.69 -6.04 11.03
CA ARG C 69 15.40 -5.30 9.82
C ARG C 69 13.96 -5.52 9.39
N TYR C 70 13.53 -4.70 8.43
CA TYR C 70 12.20 -4.71 7.88
C TYR C 70 12.19 -5.15 6.43
N ASN C 71 11.04 -5.67 6.03
CA ASN C 71 10.67 -5.78 4.62
C ASN C 71 9.74 -4.61 4.29
N ILE C 72 10.25 -3.63 3.55
CA ILE C 72 9.45 -2.45 3.21
C ILE C 72 8.59 -2.80 1.99
N LEU C 73 7.29 -2.73 2.15
CA LEU C 73 6.35 -3.08 1.07
C LEU C 73 5.91 -1.89 0.20
N LYS C 74 5.75 -0.73 0.82
CA LYS C 74 5.29 0.48 0.13
C LYS C 74 5.66 1.72 0.94
N ILE C 75 6.00 2.80 0.24
CA ILE C 75 6.17 4.11 0.84
C ILE C 75 5.34 5.10 0.03
N GLN C 76 4.42 5.79 0.71
CA GLN C 76 3.53 6.76 0.10
C GLN C 76 3.77 8.15 0.66
N LYS C 77 3.80 9.13 -0.24
CA LYS C 77 3.73 10.54 0.18
C LYS C 77 2.31 10.91 0.51
N VAL C 78 2.13 11.61 1.63
CA VAL C 78 0.83 12.05 2.11
C VAL C 78 0.66 13.53 1.78
N CYS C 79 -0.36 13.86 1.00
CA CYS C 79 -0.54 15.23 0.51
C CYS C 79 -1.91 15.72 0.96
N ASN C 80 -1.93 16.76 1.78
CA ASN C 80 -3.17 17.38 2.19
C ASN C 80 -2.89 18.88 2.32
N LYS C 81 -3.49 19.67 1.43
CA LYS C 81 -3.22 21.11 1.37
C LYS C 81 -3.61 21.81 2.66
N LYS C 82 -4.79 21.50 3.19
CA LYS C 82 -5.27 22.17 4.40
C LYS C 82 -4.39 21.85 5.62
N LEU C 83 -4.01 20.58 5.76
CA LEU C 83 -3.14 20.16 6.87
C LEU C 83 -1.75 20.74 6.73
N TRP C 84 -1.25 20.83 5.49
CA TRP C 84 0.06 21.43 5.25
C TRP C 84 0.07 22.91 5.65
N GLU C 85 -0.94 23.64 5.23
CA GLU C 85 -1.08 25.05 5.64
C GLU C 85 -1.21 25.24 7.16
N ARG C 86 -1.97 24.35 7.81
CA ARG C 86 -2.09 24.32 9.27
C ARG C 86 -0.70 24.14 9.89
N TYR C 87 0.07 23.19 9.35
CA TYR C 87 1.45 22.95 9.79
C TYR C 87 2.38 24.18 9.59
N THR C 88 2.40 24.75 8.38
CA THR C 88 3.32 25.86 8.08
C THR C 88 2.98 27.14 8.82
N HIS C 89 1.70 27.32 9.15
CA HIS C 89 1.27 28.46 9.97
C HIS C 89 1.82 28.34 11.39
N ARG C 90 1.70 27.15 11.98
CA ARG C 90 2.26 26.91 13.31
C ARG C 90 3.78 27.00 13.29
N ARG C 91 4.40 26.47 12.24
CA ARG C 91 5.85 26.48 12.13
C ARG C 91 6.38 27.91 12.15
N LYS C 92 5.70 28.79 11.41
CA LYS C 92 6.09 30.20 11.36
C LYS C 92 5.93 30.87 12.73
N GLU C 93 4.84 30.60 13.45
CA GLU C 93 4.66 31.09 14.84
C GLU C 93 5.82 30.65 15.74
N VAL C 94 6.13 29.36 15.69
CA VAL C 94 7.16 28.79 16.53
C VAL C 94 8.54 29.34 16.12
N SER C 95 8.81 29.41 14.82
CA SER C 95 10.09 29.94 14.32
C SER C 95 10.32 31.35 14.86
N GLU C 96 9.29 32.19 14.78
CA GLU C 96 9.39 33.60 15.21
C GLU C 96 9.61 33.68 16.72
N GLU C 97 8.90 32.86 17.49
CA GLU C 97 9.10 32.76 18.95
C GLU C 97 10.49 32.30 19.37
N ASN C 98 11.08 31.42 18.56
CA ASN C 98 12.42 30.88 18.83
C ASN C 98 13.49 31.56 17.96
N HIS C 99 13.32 32.87 17.73
CA HIS C 99 14.32 33.72 17.09
C HIS C 99 14.74 33.22 15.71
N ASN C 100 13.71 32.93 14.90
CA ASN C 100 13.82 32.50 13.51
CA ASN C 100 13.85 32.52 13.50
C ASN C 100 14.48 31.11 13.36
N HIS C 101 14.09 30.19 14.25
CA HIS C 101 14.58 28.79 14.18
C HIS C 101 13.46 27.81 14.49
N ALA C 102 12.91 27.18 13.44
CA ALA C 102 11.85 26.19 13.61
C ALA C 102 12.32 24.92 14.31
N ASN C 103 13.60 24.58 14.13
CA ASN C 103 14.19 23.35 14.69
C ASN C 103 13.38 22.15 14.21
N GLU C 104 13.24 22.07 12.90
CA GLU C 104 12.38 21.06 12.25
C GLU C 104 13.15 19.77 11.98
N ARG C 105 12.53 18.64 12.31
CA ARG C 105 13.15 17.31 12.22
C ARG C 105 12.24 16.39 11.42
N MET C 106 12.82 15.31 10.92
CA MET C 106 12.04 14.19 10.39
C MET C 106 12.13 13.04 11.41
N LEU C 107 10.97 12.57 11.88
CA LEU C 107 10.87 11.63 13.00
C LEU C 107 9.77 10.60 12.78
N PHE C 108 9.93 9.43 13.39
CA PHE C 108 8.95 8.34 13.25
C PHE C 108 7.79 8.47 14.23
N HIS C 109 6.63 7.99 13.81
CA HIS C 109 5.47 7.91 14.68
C HIS C 109 4.73 6.60 14.39
N GLY C 110 4.54 5.80 15.42
CA GLY C 110 3.76 4.56 15.33
C GLY C 110 2.51 4.71 16.13
N SER C 111 1.37 4.25 15.61
CA SER C 111 0.10 4.48 16.28
C SER C 111 -0.98 3.59 15.67
N PRO C 112 -1.92 3.11 16.50
CA PRO C 112 -3.09 2.48 15.89
C PRO C 112 -4.07 3.48 15.23
N PHE C 113 -3.80 4.78 15.31
CA PHE C 113 -4.67 5.82 14.72
C PHE C 113 -4.10 6.39 13.40
N VAL C 114 -3.15 5.68 12.79
CA VAL C 114 -2.48 6.16 11.58
C VAL C 114 -3.47 6.59 10.48
N ASN C 115 -4.54 5.82 10.30
CA ASN C 115 -5.53 6.13 9.27
C ASN C 115 -6.28 7.43 9.59
N ALA C 116 -6.60 7.67 10.85
CA ALA C 116 -7.16 8.95 11.26
C ALA C 116 -6.19 10.13 11.14
N ILE C 117 -4.91 9.90 11.45
CA ILE C 117 -3.94 10.99 11.41
C ILE C 117 -3.72 11.55 10.00
N ILE C 118 -3.64 10.68 9.01
CA ILE C 118 -3.33 11.14 7.66
C ILE C 118 -4.50 11.92 7.05
N HIS C 119 -5.71 11.68 7.53
CA HIS C 119 -6.90 12.36 7.01
C HIS C 119 -7.26 13.62 7.77
N LYS C 120 -7.10 13.60 9.09
CA LYS C 120 -7.57 14.69 9.96
C LYS C 120 -6.46 15.47 10.66
N GLY C 121 -5.23 14.97 10.61
CA GLY C 121 -4.10 15.61 11.28
C GLY C 121 -3.92 15.08 12.68
N PHE C 122 -2.78 15.41 13.29
CA PHE C 122 -2.53 15.12 14.68
C PHE C 122 -3.40 16.04 15.57
N ASP C 123 -3.88 15.50 16.69
CA ASP C 123 -4.59 16.28 17.71
C ASP C 123 -4.56 15.50 19.03
N GLU C 124 -5.25 16.01 20.05
CA GLU C 124 -5.26 15.39 21.40
C GLU C 124 -5.58 13.89 21.47
N ARG C 125 -6.39 13.38 20.53
CA ARG C 125 -6.71 11.95 20.48
C ARG C 125 -5.47 11.06 20.20
N HIS C 126 -4.40 11.67 19.68
CA HIS C 126 -3.17 10.93 19.33
C HIS C 126 -2.04 11.09 20.34
N ALA C 127 -2.36 11.74 21.47
CA ALA C 127 -1.40 11.92 22.56
C ALA C 127 -1.30 10.68 23.43
N TYR C 128 -0.14 10.55 24.07
CA TYR C 128 0.16 9.46 24.98
C TYR C 128 0.07 10.07 26.36
N ILE C 129 -1.09 9.89 26.99
CA ILE C 129 -1.39 10.58 28.24
C ILE C 129 -0.37 10.19 29.32
N GLY C 130 0.00 8.92 29.35
CA GLY C 130 0.94 8.41 30.35
C GLY C 130 2.40 8.35 29.94
N GLY C 131 2.80 9.13 28.94
CA GLY C 131 4.18 9.15 28.52
C GLY C 131 5.08 9.77 29.59
N MET C 132 6.33 9.33 29.61
CA MET C 132 7.29 9.77 30.63
C MET C 132 7.64 11.26 30.62
N PHE C 133 7.39 11.93 29.50
CA PHE C 133 7.64 13.39 29.42
C PHE C 133 6.34 14.20 29.36
N GLY C 134 5.27 13.65 29.94
CA GLY C 134 3.97 14.31 29.99
C GLY C 134 3.07 13.94 28.84
N ALA C 135 1.82 14.38 28.96
CA ALA C 135 0.76 14.07 28.00
C ALA C 135 0.91 14.89 26.73
N GLY C 136 1.57 14.30 25.74
CA GLY C 136 1.79 14.96 24.47
C GLY C 136 1.87 13.93 23.37
N ILE C 137 2.24 14.36 22.17
CA ILE C 137 2.36 13.48 21.04
C ILE C 137 3.85 13.13 20.87
N TYR C 138 4.15 11.84 20.86
CA TYR C 138 5.51 11.30 20.92
C TYR C 138 6.04 10.87 19.56
N PHE C 139 7.30 11.20 19.30
CA PHE C 139 8.00 10.81 18.09
C PHE C 139 9.35 10.24 18.45
N ALA C 140 9.91 9.44 17.54
CA ALA C 140 11.17 8.75 17.80
C ALA C 140 12.16 8.87 16.64
N GLU C 141 13.43 8.98 17.00
CA GLU C 141 14.51 8.81 16.02
C GLU C 141 14.71 7.36 15.63
N ASN C 142 14.50 6.41 16.55
CA ASN C 142 14.58 4.98 16.22
C ASN C 142 13.26 4.50 15.63
N SER C 143 13.26 4.07 14.38
CA SER C 143 12.09 3.42 13.80
C SER C 143 11.52 2.27 14.67
N SER C 144 12.42 1.50 15.29
CA SER C 144 12.00 0.34 16.09
C SER C 144 11.31 0.75 17.38
N LYS C 145 11.60 1.95 17.88
CA LYS C 145 10.87 2.49 19.03
C LYS C 145 9.41 2.76 18.61
N SER C 146 9.20 3.49 17.51
CA SER C 146 7.83 3.71 17.03
C SER C 146 7.12 2.41 16.68
N ASN C 147 7.85 1.41 16.18
CA ASN C 147 7.25 0.11 15.87
C ASN C 147 6.59 -0.54 17.11
N GLN C 148 7.11 -0.25 18.29
CA GLN C 148 6.50 -0.74 19.54
C GLN C 148 5.09 -0.22 19.81
N TYR C 149 4.66 0.85 19.11
CA TYR C 149 3.36 1.48 19.33
C TYR C 149 2.35 1.26 18.23
N VAL C 150 2.74 0.51 17.18
CA VAL C 150 1.86 0.31 16.01
C VAL C 150 0.54 -0.37 16.38
N TYR C 151 0.61 -1.32 17.31
CA TYR C 151 -0.56 -2.04 17.79
C TYR C 151 -1.06 -1.55 19.15
N GLY C 152 -0.57 -0.39 19.59
CA GLY C 152 -0.99 0.23 20.85
C GLY C 152 0.15 0.34 21.85
N ILE C 153 -0.18 0.91 23.00
CA ILE C 153 0.81 1.08 24.09
C ILE C 153 1.31 -0.31 24.50
N GLY C 154 2.64 -0.48 24.54
CA GLY C 154 3.24 -1.76 24.88
C GLY C 154 3.02 -2.84 23.85
N GLY C 155 2.69 -2.44 22.62
CA GLY C 155 2.30 -3.35 21.55
C GLY C 155 0.88 -3.89 21.64
N GLY C 156 0.08 -3.40 22.60
CA GLY C 156 -1.28 -3.92 22.79
C GLY C 156 -1.32 -5.42 22.89
N THR C 157 -2.24 -6.04 22.14
CA THR C 157 -2.31 -7.49 22.00
C THR C 157 -1.71 -8.00 20.67
N GLY C 158 -0.95 -7.16 19.98
CA GLY C 158 -0.30 -7.54 18.74
C GLY C 158 -1.24 -7.38 17.55
N CYS C 159 -0.93 -8.08 16.47
CA CYS C 159 -1.69 -7.94 15.23
C CYS C 159 -3.13 -8.39 15.47
N PRO C 160 -4.10 -7.82 14.73
CA PRO C 160 -5.49 -8.27 14.90
C PRO C 160 -5.76 -9.73 14.56
N VAL C 161 -5.11 -10.21 13.51
CA VAL C 161 -5.36 -11.56 12.98
C VAL C 161 -4.82 -12.66 13.88
N HIS C 162 -3.59 -12.52 14.36
CA HIS C 162 -2.92 -13.59 15.10
C HIS C 162 -2.67 -13.28 16.59
N LYS C 163 -3.04 -12.09 17.03
CA LYS C 163 -2.73 -11.61 18.40
C LYS C 163 -1.25 -11.80 18.78
N ASP C 164 -0.37 -11.43 17.86
CA ASP C 164 1.06 -11.69 17.98
C ASP C 164 1.80 -10.36 17.83
N ARG C 165 2.42 -9.90 18.92
CA ARG C 165 3.24 -8.69 18.86
C ARG C 165 4.48 -8.83 17.98
N SER C 166 4.92 -10.07 17.72
CA SER C 166 6.05 -10.33 16.84
C SER C 166 5.61 -10.94 15.52
N CYS C 167 4.42 -10.61 15.07
CA CYS C 167 3.90 -11.21 13.83
C CYS C 167 4.79 -10.81 12.67
N TYR C 168 5.21 -11.81 11.89
CA TYR C 168 6.05 -11.62 10.69
C TYR C 168 5.22 -11.65 9.39
N ILE C 169 3.91 -11.87 9.51
CA ILE C 169 2.99 -12.00 8.36
C ILE C 169 2.25 -10.70 8.10
N CYS C 170 1.64 -10.16 9.14
CA CYS C 170 0.75 -9.02 9.01
C CYS C 170 1.51 -7.73 8.66
N HIS C 171 0.88 -6.95 7.81
CA HIS C 171 1.44 -5.68 7.34
C HIS C 171 1.25 -4.62 8.39
N ARG C 172 2.31 -3.89 8.69
CA ARG C 172 2.27 -2.80 9.63
C ARG C 172 2.47 -1.48 8.90
N GLN C 173 2.07 -0.39 9.55
CA GLN C 173 2.29 0.96 9.04
C GLN C 173 2.93 1.90 10.06
N LEU C 174 3.89 2.70 9.61
CA LEU C 174 4.55 3.76 10.41
C LEU C 174 4.41 5.06 9.64
N LEU C 175 4.41 6.20 10.33
CA LEU C 175 4.53 7.50 9.69
C LEU C 175 5.94 8.02 9.88
N PHE C 176 6.45 8.72 8.86
CA PHE C 176 7.71 9.46 8.98
C PHE C 176 7.31 10.92 8.75
N CYS C 177 7.46 11.73 9.79
CA CYS C 177 6.76 13.01 9.91
C CYS C 177 7.72 14.16 10.03
N ARG C 178 7.29 15.30 9.52
CA ARG C 178 7.99 16.55 9.69
C ARG C 178 7.50 17.13 11.03
N VAL C 179 8.43 17.43 11.95
CA VAL C 179 8.05 17.85 13.30
C VAL C 179 8.80 19.13 13.64
N THR C 180 8.05 20.15 14.06
CA THR C 180 8.63 21.44 14.46
C THR C 180 8.90 21.36 15.97
N LEU C 181 10.18 21.39 16.38
CA LEU C 181 10.51 21.31 17.81
C LEU C 181 10.62 22.65 18.52
N GLY C 182 10.91 23.71 17.78
CA GLY C 182 11.25 25.00 18.37
C GLY C 182 12.32 24.88 19.45
N LYS C 183 12.18 25.70 20.49
CA LYS C 183 12.96 25.57 21.71
C LYS C 183 12.55 24.30 22.45
N SER C 184 13.46 23.33 22.49
CA SER C 184 13.18 22.04 23.06
C SER C 184 13.83 21.91 24.43
N PHE C 185 13.03 21.48 25.39
CA PHE C 185 13.52 21.27 26.75
C PHE C 185 14.22 19.92 26.80
N LEU C 186 15.50 19.92 27.14
CA LEU C 186 16.25 18.68 27.23
C LEU C 186 15.99 17.98 28.55
N GLN C 187 15.46 16.76 28.49
CA GLN C 187 15.24 15.93 29.65
C GLN C 187 16.05 14.64 29.48
N PHE C 188 17.03 14.42 30.35
CA PHE C 188 17.72 13.13 30.37
C PHE C 188 16.82 12.12 31.06
N SER C 189 16.81 10.89 30.57
CA SER C 189 15.93 9.86 31.09
C SER C 189 16.77 8.64 31.38
N ALA C 190 16.38 7.88 32.39
CA ALA C 190 17.16 6.74 32.88
C ALA C 190 17.01 5.44 32.06
N MET C 191 16.54 5.55 30.81
CA MET C 191 16.33 4.40 29.93
C MET C 191 17.58 4.08 29.11
N MET D 2 -4.26 16.66 27.17
CA MET D 2 -2.92 17.04 26.61
C MET D 2 -2.30 18.23 27.38
N ALA D 3 -1.09 18.02 27.90
CA ALA D 3 -0.40 18.98 28.75
C ALA D 3 0.13 20.18 27.96
N HIS D 4 0.57 21.20 28.69
CA HIS D 4 1.25 22.34 28.07
C HIS D 4 2.74 22.02 27.97
N SER D 5 3.42 22.72 27.08
CA SER D 5 4.88 22.62 26.96
C SER D 5 5.52 23.27 28.20
N PRO D 6 6.79 22.93 28.51
CA PRO D 6 7.51 23.67 29.54
C PRO D 6 7.57 25.18 29.21
N PRO D 7 7.42 26.06 30.22
CA PRO D 7 7.36 27.50 29.94
C PRO D 7 8.58 27.98 29.12
N GLY D 8 8.30 28.67 28.03
CA GLY D 8 9.33 29.14 27.12
C GLY D 8 9.84 28.07 26.16
N HIS D 9 9.24 26.87 26.18
CA HIS D 9 9.65 25.76 25.30
C HIS D 9 8.45 25.29 24.45
N HIS D 10 8.77 24.70 23.31
CA HIS D 10 7.76 24.19 22.37
C HIS D 10 7.71 22.67 22.26
N SER D 11 8.62 21.98 22.94
CA SER D 11 8.71 20.54 22.88
C SER D 11 9.64 20.08 23.98
N VAL D 12 9.69 18.77 24.17
CA VAL D 12 10.65 18.12 25.06
C VAL D 12 11.45 17.11 24.26
N THR D 13 12.76 17.11 24.50
CA THR D 13 13.68 16.13 23.97
C THR D 13 13.99 15.17 25.11
N GLY D 14 13.56 13.92 24.94
CA GLY D 14 13.82 12.86 25.89
C GLY D 14 15.04 12.11 25.43
N ARG D 15 16.15 12.27 26.14
CA ARG D 15 17.39 11.67 25.70
C ARG D 15 17.83 10.56 26.62
N PRO D 16 17.82 9.31 26.13
CA PRO D 16 18.29 8.21 26.96
C PRO D 16 19.73 8.44 27.46
N SER D 17 19.93 8.30 28.76
CA SER D 17 21.24 8.49 29.39
C SER D 17 21.93 7.19 29.82
N VAL D 18 21.23 6.05 29.78
CA VAL D 18 21.82 4.75 30.18
C VAL D 18 22.18 3.88 28.96
N ASN D 19 21.23 3.70 28.04
CA ASN D 19 21.50 2.96 26.81
C ASN D 19 22.08 3.94 25.79
N GLY D 20 23.38 3.83 25.55
CA GLY D 20 24.09 4.74 24.66
C GLY D 20 23.81 4.51 23.18
N LEU D 21 23.15 3.40 22.86
CA LEU D 21 22.71 3.16 21.49
C LEU D 21 21.26 3.60 21.22
N ALA D 22 20.54 4.00 22.25
CA ALA D 22 19.16 4.47 22.07
C ALA D 22 19.17 5.93 21.66
N LEU D 23 18.40 6.25 20.61
CA LEU D 23 18.30 7.60 20.10
C LEU D 23 17.20 8.34 20.84
N ALA D 24 17.06 9.63 20.57
CA ALA D 24 16.15 10.44 21.32
C ALA D 24 14.69 10.21 20.94
N GLU D 25 13.83 10.58 21.88
CA GLU D 25 12.40 10.65 21.67
C GLU D 25 11.99 12.09 21.90
N TYR D 26 10.91 12.51 21.25
CA TYR D 26 10.49 13.90 21.29
C TYR D 26 9.00 13.99 21.54
N VAL D 27 8.60 15.02 22.27
CA VAL D 27 7.20 15.26 22.59
C VAL D 27 6.81 16.67 22.18
N ILE D 28 5.69 16.77 21.47
CA ILE D 28 5.03 18.05 21.18
C ILE D 28 3.67 18.06 21.85
N TYR D 29 3.17 19.25 22.12
CA TYR D 29 1.92 19.46 22.85
C TYR D 29 0.85 20.14 22.00
N ARG D 30 1.13 20.35 20.72
CA ARG D 30 0.21 20.94 19.75
C ARG D 30 0.28 20.05 18.52
N GLY D 31 -0.84 19.48 18.10
CA GLY D 31 -0.87 18.64 16.90
C GLY D 31 -0.45 19.34 15.62
N GLU D 32 -0.63 20.66 15.57
CA GLU D 32 -0.21 21.46 14.43
C GLU D 32 1.32 21.52 14.21
N GLN D 33 2.11 21.12 15.20
CA GLN D 33 3.58 21.03 15.05
C GLN D 33 4.09 19.76 14.37
N ALA D 34 3.20 18.92 13.84
CA ALA D 34 3.67 17.76 13.07
C ALA D 34 2.85 17.58 11.81
N TYR D 35 3.49 17.14 10.74
CA TYR D 35 2.79 16.83 9.49
C TYR D 35 3.24 15.45 9.05
N PRO D 36 2.27 14.55 8.78
CA PRO D 36 2.58 13.15 8.42
C PRO D 36 3.04 12.96 6.99
N GLU D 37 4.32 13.15 6.72
CA GLU D 37 4.79 13.27 5.33
C GLU D 37 4.81 11.97 4.51
N TYR D 38 5.22 10.87 5.16
CA TYR D 38 5.31 9.58 4.49
C TYR D 38 4.57 8.52 5.29
N LEU D 39 3.86 7.65 4.58
CA LEU D 39 3.21 6.48 5.17
C LEU D 39 3.93 5.26 4.66
N ILE D 40 4.50 4.47 5.58
CA ILE D 40 5.36 3.36 5.26
C ILE D 40 4.65 2.06 5.65
N THR D 41 4.51 1.14 4.71
CA THR D 41 3.90 -0.16 4.95
C THR D 41 5.00 -1.20 4.91
N TYR D 42 5.05 -2.07 5.92
CA TYR D 42 6.17 -2.94 6.09
C TYR D 42 5.81 -4.20 6.90
N GLN D 43 6.72 -5.16 6.88
CA GLN D 43 6.72 -6.28 7.81
C GLN D 43 8.02 -6.29 8.59
N ILE D 44 7.97 -6.71 9.84
CA ILE D 44 9.25 -7.04 10.52
C ILE D 44 9.73 -8.39 9.98
N MET D 45 11.04 -8.59 9.89
CA MET D 45 11.62 -9.83 9.36
C MET D 45 12.16 -10.73 10.49
N ARG D 46 11.85 -12.01 10.41
CA ARG D 46 12.36 -12.98 11.38
C ARG D 46 13.87 -13.13 11.18
N PRO D 47 14.69 -12.93 12.24
CA PRO D 47 16.13 -13.12 12.12
C PRO D 47 16.49 -14.55 11.65
N GLU D 48 17.55 -14.65 10.85
CA GLU D 48 17.97 -15.94 10.26
C GLU D 48 18.65 -16.81 11.30
ZN ZN E . -3.38 10.24 -24.75
S SO4 F . -5.93 2.27 -3.70
S SO4 F . -5.91 2.51 -3.73
O1 SO4 F . -5.73 2.08 -5.16
O1 SO4 F . -5.33 3.62 -4.52
O2 SO4 F . -4.67 2.81 -3.15
O2 SO4 F . -6.05 1.29 -4.57
O3 SO4 F . -7.06 3.22 -3.53
O3 SO4 F . -4.98 2.19 -2.62
O4 SO4 F . -6.22 1.00 -3.02
O4 SO4 F . -7.23 2.91 -3.21
CAG 9AN G . 1.89 -5.10 -12.53
CAG 9AN G . 0.87 -5.65 -14.28
CAB 9AN G . 3.07 -5.23 -13.23
CAB 9AN G . 2.12 -5.58 -14.92
OAA 9AN G . 4.27 -4.88 -12.67
OAA 9AN G . 2.30 -6.09 -16.16
CAC 9AN G . 3.07 -5.68 -14.54
CAC 9AN G . 3.20 -5.00 -14.28
CAD 9AN G . 1.87 -6.02 -15.13
CAD 9AN G . 3.04 -4.49 -13.01
CAE 9AN G . 0.67 -5.90 -14.42
CAE 9AN G . 1.81 -4.55 -12.37
CAF 9AN G . 0.67 -5.41 -13.12
CAF 9AN G . 0.71 -5.10 -13.01
CAH 9AN G . -0.53 -5.32 -12.41
CAH 9AN G . -0.52 -5.19 -12.35
NAI 9AN G . -0.49 -5.21 -11.08
NAI 9AN G . -0.54 -5.08 -11.02
CAJ 9AN G . -1.63 -5.14 -10.36
CAJ 9AN G . -1.70 -5.19 -10.33
CAO 9AN G . -1.53 -5.03 -8.98
CAO 9AN G . -1.65 -5.07 -8.95
CAN 9AN G . -2.68 -4.97 -8.21
CAN 9AN G . -2.81 -5.19 -8.21
CAM 9AN G . -3.93 -5.03 -8.81
CAM 9AN G . -4.03 -5.43 -8.85
CAL 9AN G . -4.04 -5.15 -10.19
CAL 9AN G . -4.07 -5.55 -10.23
CAK 9AN G . -2.89 -5.21 -10.96
CAK 9AN G . -2.90 -5.44 -10.97
CAP 9AN G . -2.96 -5.31 -12.35
CAP 9AN G . -2.91 -5.55 -12.37
OAQ 9AN G . -4.04 -5.33 -12.96
OAQ 9AN G . -3.93 -5.73 -13.02
NAR 9AN G . -1.76 -5.37 -13.06
NAR 9AN G . -1.69 -5.42 -13.05
S SO4 H . -20.00 11.10 -14.74
O1 SO4 H . -19.25 11.52 -13.54
O2 SO4 H . -19.07 10.49 -15.73
O3 SO4 H . -20.63 12.29 -15.34
O4 SO4 H . -21.04 10.11 -14.37
C1 GOL I . -12.52 -3.46 8.66
O1 GOL I . -13.49 -3.42 9.70
C2 GOL I . -13.16 -3.96 7.37
O2 GOL I . -14.59 -4.07 7.51
C3 GOL I . -12.84 -2.99 6.23
O3 GOL I . -13.61 -1.79 6.37
ZN ZN J . -0.52 -11.35 12.29
S SO4 K . 13.61 0.49 25.25
S SO4 K . 13.55 0.19 25.29
O1 SO4 K . 14.08 1.89 25.21
O1 SO4 K . 12.71 -1.04 25.28
O2 SO4 K . 14.73 -0.44 24.96
O2 SO4 K . 14.93 -0.12 24.88
O3 SO4 K . 13.04 0.20 26.58
O3 SO4 K . 13.54 0.78 26.64
O4 SO4 K . 12.53 0.26 24.25
O4 SO4 K . 12.95 1.18 24.37
CAG 9AN L . 1.23 6.97 19.86
CAG 9AN L . 1.56 6.46 22.05
CAB 9AN L . -0.14 6.98 20.13
CAB 9AN L . 0.18 6.41 22.25
OAA 9AN L . -1.03 7.38 19.20
OAA 9AN L . -0.32 6.31 23.52
CAC 9AN L . -0.61 6.57 21.37
CAC 9AN L . -0.68 6.42 21.16
CAD 9AN L . 0.28 6.15 22.34
CAD 9AN L . -0.17 6.50 19.88
CAE 9AN L . 1.64 6.14 22.09
CAE 9AN L . 1.21 6.56 19.68
CAF 9AN L . 2.12 6.52 20.83
CAF 9AN L . 2.08 6.52 20.77
CAH 9AN L . 3.49 6.54 20.60
CAH 9AN L . 3.46 6.61 20.57
NAI 9AN L . 4.31 6.72 21.64
NAI 9AN L . 4.30 6.74 21.62
CAJ 9AN L . 5.64 6.79 21.48
CAJ 9AN L . 5.63 6.86 21.44
CAO 9AN L . 6.43 6.98 22.60
CAO 9AN L . 6.45 7.01 22.56
CAN 9AN L . 7.81 7.05 22.46
CAN 9AN L . 7.82 7.15 22.40
CAM 9AN L . 8.39 6.95 21.21
CAM 9AN L . 8.38 7.14 21.13
CAL 9AN L . 7.59 6.75 20.09
CAL 9AN L . 7.56 6.99 20.03
CAK 9AN L . 6.21 6.67 20.21
CAK 9AN L . 6.19 6.85 20.17
CAP 9AN L . 5.38 6.49 19.10
CAP 9AN L . 5.35 6.70 19.07
OAQ 9AN L . 5.82 6.35 17.95
OAQ 9AN L . 5.76 6.65 17.90
NAR 9AN L . 4.00 6.42 19.31
NAR 9AN L . 3.98 6.58 19.29
S SO4 M . 18.80 -10.96 9.96
O1 SO4 M . 19.69 -9.89 9.47
O2 SO4 M . 19.15 -12.25 9.36
O3 SO4 M . 17.38 -10.59 9.62
O4 SO4 M . 18.96 -11.12 11.41
#